data_6NSC
#
_entry.id   6NSC
#
_cell.length_a   100.601
_cell.length_b   100.601
_cell.length_c   384.460
_cell.angle_alpha   90.00
_cell.angle_beta   90.00
_cell.angle_gamma   120.00
#
_symmetry.space_group_name_H-M   'H 3 2'
#
loop_
_entity.id
_entity.type
_entity.pdbx_description
1 polymer 'Hemagglutinin HA1 chain'
2 polymer 'Hemagglutinin HA2 chain'
3 branched alpha-D-mannopyranose-(1-3)-[alpha-D-mannopyranose-(1-6)]beta-D-mannopyranose-(1-4)-2-acetamido-2-deoxy-beta-D-glucopyranose-(1-4)-2-acetamido-2-deoxy-beta-D-glucopyranose
4 branched 2-acetamido-2-deoxy-beta-D-glucopyranose-(1-4)-[beta-L-fucopyranose-(1-6)]2-acetamido-2-deoxy-beta-D-glucopyranose
5 branched 2-acetamido-2-deoxy-beta-D-glucopyranose-(1-4)-2-acetamido-2-deoxy-beta-D-glucopyranose
6 non-polymer 2-acetamido-2-deoxy-beta-D-glucopyranose
7 water water
#
loop_
_entity_poly.entity_id
_entity_poly.type
_entity_poly.pdbx_seq_one_letter_code
_entity_poly.pdbx_strand_id
1 'polypeptide(L)'
;PGATLCLGHHAVPNGTIVKTITNDQIEVTNATELVQSSSTGEICDSPHQILDGENCTLIDALLGDPQCDGFQNKKWDLFV
ERSKAYSNCYPYDVPDYASLRSLVASSGTLEFNNESFNWTGVTQNGTSSACIRRSNNSFFSRLNWLTHLKFKYPALNVTM
PNNEKFDKLYIWGVHHPVTDNDQIFPYAQASGRITVSTKRSQQTVIPNIGSRPRVRNIPSRISIYWTIVKPGDILLINST
GNLIAPRGYFKIRSGKSSIMRSDAPIGKCNSECITPNGSIPNDKPFQNVNRITYGACPRYVKQNTLKLATGMRNVPEKQT
R
;
A
2 'polypeptide(L)'
;GIFGAIAGFIENGWEGMVDGWYGFRHQNSEGIGQAADLKSTQAAIDQINGKLNRLIGKTNEKFHQIEKEFSEVEGRIQDL
EKYVEDTKIDLWSYNAELLVALENQHTIDLTDSEMNKLFEKTKKQLRENAEDMGNGCFKIYHKCDNACIGSIRNGTYDHD
VYRDEALNNRFQIKGV
;
B
#
loop_
_chem_comp.id
_chem_comp.type
_chem_comp.name
_chem_comp.formula
BMA D-saccharide, beta linking beta-D-mannopyranose 'C6 H12 O6'
FUL L-saccharide, beta linking beta-L-fucopyranose 'C6 H12 O5'
MAN D-saccharide, alpha linking alpha-D-mannopyranose 'C6 H12 O6'
NAG D-saccharide, beta linking 2-acetamido-2-deoxy-beta-D-glucopyranose 'C8 H15 N O6'
#
# COMPACT_ATOMS: atom_id res chain seq x y z
N PRO A 1 -39.97 -52.75 11.38
CA PRO A 1 -39.54 -51.51 12.06
C PRO A 1 -38.55 -50.66 11.25
N GLY A 2 -37.41 -51.23 10.86
CA GLY A 2 -36.42 -50.54 10.06
C GLY A 2 -35.52 -49.51 10.72
N ALA A 3 -35.14 -48.48 9.95
CA ALA A 3 -34.30 -47.39 10.43
C ALA A 3 -34.57 -46.08 9.67
N THR A 4 -34.03 -44.99 10.21
CA THR A 4 -34.07 -43.69 9.55
CA THR A 4 -34.09 -43.68 9.59
C THR A 4 -32.66 -43.14 9.46
N LEU A 5 -32.29 -42.62 8.28
CA LEU A 5 -30.98 -42.01 8.05
C LEU A 5 -31.16 -40.61 7.51
N CYS A 6 -30.65 -39.63 8.24
CA CYS A 6 -30.84 -38.22 7.94
C CYS A 6 -29.50 -37.62 7.56
N LEU A 7 -29.49 -36.93 6.42
CA LEU A 7 -28.34 -36.16 5.96
C LEU A 7 -28.46 -34.73 6.47
N GLY A 8 -27.34 -34.13 6.84
CA GLY A 8 -27.37 -32.80 7.39
C GLY A 8 -26.04 -32.11 7.36
N HIS A 9 -26.05 -30.89 7.87
CA HIS A 9 -24.93 -30.00 7.84
C HIS A 9 -24.79 -29.31 9.19
N HIS A 10 -23.61 -28.75 9.47
CA HIS A 10 -23.41 -28.07 10.75
C HIS A 10 -24.06 -26.67 10.79
N ALA A 11 -24.12 -26.14 11.99
CA ALA A 11 -24.47 -24.76 12.27
C ALA A 11 -23.71 -24.32 13.57
N VAL A 12 -23.64 -23.02 13.80
CA VAL A 12 -22.93 -22.46 14.94
C VAL A 12 -23.85 -21.51 15.68
N PRO A 13 -23.59 -21.31 16.99
CA PRO A 13 -24.40 -20.37 17.76
C PRO A 13 -24.02 -18.91 17.47
N ASN A 14 -22.81 -18.66 16.97
CA ASN A 14 -22.29 -17.30 16.70
C ASN A 14 -22.00 -17.07 15.19
N GLY A 15 -23.05 -16.92 14.40
CA GLY A 15 -22.88 -16.62 12.97
C GLY A 15 -22.42 -15.20 12.68
N THR A 16 -22.00 -14.95 11.44
CA THR A 16 -21.65 -13.59 10.96
C THR A 16 -22.40 -13.21 9.70
N ILE A 17 -22.75 -11.92 9.61
CA ILE A 17 -23.52 -11.41 8.50
C ILE A 17 -22.61 -11.01 7.35
N VAL A 18 -22.92 -11.48 6.13
CA VAL A 18 -22.19 -11.07 4.94
C VAL A 18 -23.15 -10.55 3.88
N LYS A 19 -22.58 -9.84 2.90
CA LYS A 19 -23.31 -9.42 1.69
C LYS A 19 -23.15 -10.43 0.56
N THR A 20 -24.20 -10.52 -0.25
CA THR A 20 -24.21 -11.30 -1.45
C THR A 20 -24.84 -10.50 -2.58
N ILE A 21 -24.86 -11.11 -3.74
CA ILE A 21 -25.47 -10.53 -4.95
C ILE A 21 -26.99 -10.29 -4.80
N THR A 22 -27.65 -11.19 -4.10
CA THR A 22 -29.10 -11.15 -3.95
C THR A 22 -29.58 -10.74 -2.56
N ASN A 23 -28.68 -10.55 -1.61
CA ASN A 23 -29.12 -10.23 -0.24
C ASN A 23 -28.04 -9.48 0.51
N ASP A 24 -28.35 -8.30 1.05
CA ASP A 24 -27.30 -7.56 1.72
C ASP A 24 -27.00 -8.10 3.15
N GLN A 25 -27.81 -9.00 3.69
CA GLN A 25 -27.59 -9.56 5.03
C GLN A 25 -27.91 -11.05 5.08
N ILE A 26 -26.92 -11.91 4.92
CA ILE A 26 -27.11 -13.34 5.02
C ILE A 26 -26.14 -13.80 6.10
N GLU A 27 -26.57 -14.68 6.97
CA GLU A 27 -25.69 -15.18 8.02
C GLU A 27 -24.99 -16.46 7.56
N VAL A 28 -23.68 -16.45 7.69
CA VAL A 28 -22.86 -17.63 7.42
C VAL A 28 -22.18 -18.10 8.71
N THR A 29 -21.66 -19.31 8.69
CA THR A 29 -21.02 -19.89 9.90
C THR A 29 -19.72 -19.19 10.28
N ASN A 30 -19.06 -18.59 9.30
CA ASN A 30 -17.76 -17.98 9.51
C ASN A 30 -17.40 -17.06 8.31
N ALA A 31 -16.55 -16.06 8.59
CA ALA A 31 -16.08 -15.12 7.61
C ALA A 31 -14.74 -14.54 8.04
N THR A 32 -14.07 -13.87 7.12
CA THR A 32 -12.79 -13.21 7.39
C THR A 32 -12.82 -11.82 6.79
N GLU A 33 -12.14 -10.89 7.46
CA GLU A 33 -12.10 -9.47 7.09
C GLU A 33 -11.12 -9.23 5.95
N LEU A 34 -11.55 -8.58 4.88
CA LEU A 34 -10.64 -8.27 3.79
C LEU A 34 -10.07 -6.83 3.80
N VAL A 35 -10.59 -5.96 4.65
CA VAL A 35 -10.08 -4.60 4.76
C VAL A 35 -9.26 -4.42 6.04
N GLN A 36 -7.99 -4.08 5.88
CA GLN A 36 -7.11 -3.70 7.01
C GLN A 36 -7.42 -2.26 7.40
N SER A 37 -7.74 -2.08 8.67
CA SER A 37 -8.23 -0.79 9.15
C SER A 37 -7.49 -0.25 10.36
N SER A 38 -6.38 -0.87 10.75
CA SER A 38 -5.60 -0.43 11.89
C SER A 38 -4.11 -0.45 11.59
N SER A 39 -3.39 0.48 12.22
CA SER A 39 -1.92 0.47 12.29
CA SER A 39 -1.92 0.43 12.28
C SER A 39 -1.50 0.40 13.73
N THR A 40 -0.29 -0.08 13.97
CA THR A 40 0.31 -0.05 15.32
C THR A 40 0.71 1.38 15.69
N GLY A 41 0.86 2.26 14.70
CA GLY A 41 1.18 3.68 14.95
C GLY A 41 2.64 4.04 14.75
N GLU A 42 3.50 3.04 14.43
CA GLU A 42 4.95 3.23 14.25
CA GLU A 42 4.93 3.26 14.23
C GLU A 42 5.39 2.78 12.84
N ILE A 43 6.33 3.50 12.25
CA ILE A 43 6.89 3.10 10.98
C ILE A 43 8.02 2.12 11.31
N CYS A 44 7.90 0.89 10.87
CA CYS A 44 8.96 -0.09 11.11
C CYS A 44 10.20 0.20 10.26
N ASP A 45 11.37 0.21 10.91
CA ASP A 45 12.66 0.50 10.28
C ASP A 45 13.21 -0.61 9.38
N SER A 46 12.50 -1.72 9.29
CA SER A 46 12.83 -2.81 8.41
C SER A 46 11.56 -3.28 7.70
N PRO A 47 11.67 -3.83 6.50
CA PRO A 47 12.95 -4.11 5.80
C PRO A 47 13.40 -3.00 4.85
N HIS A 48 12.73 -1.83 4.88
CA HIS A 48 13.11 -0.73 4.00
C HIS A 48 14.03 0.19 4.76
N GLN A 49 15.00 0.76 4.04
CA GLN A 49 15.90 1.72 4.64
C GLN A 49 15.20 3.05 4.84
N ILE A 50 15.01 3.42 6.11
CA ILE A 50 14.30 4.64 6.49
C ILE A 50 15.29 5.72 6.85
N LEU A 51 15.05 6.93 6.34
CA LEU A 51 15.81 8.09 6.74
C LEU A 51 14.86 9.13 7.34
N ASP A 52 14.90 9.26 8.65
CA ASP A 52 14.09 10.23 9.38
C ASP A 52 14.71 11.61 9.15
N GLY A 53 13.96 12.48 8.48
CA GLY A 53 14.40 13.87 8.26
C GLY A 53 14.53 14.70 9.52
N GLU A 54 13.76 14.36 10.55
CA GLU A 54 13.80 15.04 11.85
C GLU A 54 13.49 16.52 11.64
N ASN A 55 14.45 17.43 11.88
CA ASN A 55 14.19 18.86 11.67
C ASN A 55 14.36 19.32 10.22
N CYS A 56 14.80 18.42 9.33
CA CYS A 56 15.19 18.79 7.97
C CYS A 56 14.22 18.25 6.90
N THR A 57 13.84 19.13 5.97
CA THR A 57 13.24 18.71 4.73
C THR A 57 14.29 18.09 3.84
N LEU A 58 13.86 17.29 2.85
CA LEU A 58 14.81 16.74 1.88
C LEU A 58 15.66 17.85 1.27
N ILE A 59 14.99 18.94 0.89
CA ILE A 59 15.62 20.09 0.21
C ILE A 59 16.67 20.77 1.09
N ASP A 60 16.36 20.97 2.37
CA ASP A 60 17.37 21.49 3.30
C ASP A 60 18.57 20.54 3.41
N ALA A 61 18.34 19.24 3.55
CA ALA A 61 19.47 18.28 3.57
C ALA A 61 20.27 18.36 2.25
N LEU A 62 19.58 18.54 1.13
CA LEU A 62 20.23 18.65 -0.18
C LEU A 62 21.11 19.91 -0.31
N LEU A 63 20.54 21.07 0.04
CA LEU A 63 21.25 22.33 -0.06
C LEU A 63 22.39 22.38 0.97
N GLY A 64 22.17 21.77 2.14
CA GLY A 64 23.18 21.71 3.19
C GLY A 64 23.13 22.79 4.25
N ASP A 65 21.90 23.14 4.65
CA ASP A 65 21.60 23.87 5.90
C ASP A 65 22.31 23.21 7.11
N PRO A 66 23.14 23.96 7.89
CA PRO A 66 24.05 23.35 8.88
C PRO A 66 23.48 22.28 9.80
N GLN A 67 22.25 22.49 10.29
CA GLN A 67 21.59 21.44 11.10
C GLN A 67 21.37 20.10 10.37
N CYS A 68 21.44 20.10 9.03
CA CYS A 68 21.35 18.89 8.20
C CYS A 68 22.69 18.26 7.76
N ASP A 69 23.81 18.74 8.33
CA ASP A 69 25.15 18.24 8.00
C ASP A 69 25.30 16.72 8.15
N GLY A 70 24.65 16.12 9.15
CA GLY A 70 24.64 14.68 9.32
C GLY A 70 24.03 13.86 8.17
N PHE A 71 23.27 14.49 7.27
CA PHE A 71 22.65 13.79 6.12
C PHE A 71 23.56 13.63 4.88
N GLN A 72 24.75 14.24 4.89
CA GLN A 72 25.64 14.24 3.71
C GLN A 72 25.86 12.83 3.21
N ASN A 73 25.62 12.63 1.91
CA ASN A 73 25.83 11.37 1.21
C ASN A 73 24.97 10.17 1.61
N LYS A 74 23.98 10.36 2.48
CA LYS A 74 23.10 9.25 2.88
C LYS A 74 22.18 8.79 1.73
N LYS A 75 21.77 7.53 1.82
CA LYS A 75 20.79 6.93 0.94
C LYS A 75 19.52 6.56 1.74
N TRP A 76 18.45 6.30 1.00
CA TRP A 76 17.19 5.86 1.60
C TRP A 76 16.33 5.12 0.59
N ASP A 77 15.57 4.17 1.11
CA ASP A 77 14.44 3.66 0.43
C ASP A 77 13.30 4.66 0.62
N LEU A 78 13.07 5.07 1.88
CA LEU A 78 12.03 6.07 2.20
C LEU A 78 12.51 7.18 3.12
N PHE A 79 12.53 8.40 2.61
CA PHE A 79 12.84 9.59 3.41
C PHE A 79 11.55 10.05 4.08
N VAL A 80 11.57 10.19 5.40
CA VAL A 80 10.39 10.65 6.16
C VAL A 80 10.53 12.11 6.55
N GLU A 81 9.67 13.00 6.01
CA GLU A 81 9.61 14.43 6.40
C GLU A 81 8.62 14.72 7.50
N ARG A 82 9.10 15.41 8.54
CA ARG A 82 8.36 15.68 9.77
C ARG A 82 7.67 17.03 9.69
N SER A 83 6.48 17.16 10.30
CA SER A 83 5.80 18.47 10.27
C SER A 83 6.52 19.53 11.10
N LYS A 84 7.31 19.11 12.11
CA LYS A 84 8.10 20.04 12.95
C LYS A 84 9.34 20.64 12.24
N ALA A 85 9.66 20.22 11.02
CA ALA A 85 10.84 20.69 10.30
C ALA A 85 10.81 22.20 10.07
N TYR A 86 12.01 22.76 9.91
CA TYR A 86 12.16 24.18 9.61
C TYR A 86 13.55 24.41 9.05
N SER A 87 13.65 25.43 8.21
CA SER A 87 14.92 25.88 7.67
C SER A 87 15.56 26.89 8.64
N ASN A 88 16.90 26.89 8.69
CA ASN A 88 17.65 27.79 9.56
C ASN A 88 18.96 28.23 8.91
N CYS A 89 18.91 28.48 7.60
CA CYS A 89 20.05 28.99 6.83
C CYS A 89 19.49 30.20 6.09
N TYR A 90 20.05 30.53 4.92
CA TYR A 90 19.64 31.71 4.19
C TYR A 90 18.24 31.50 3.62
N PRO A 91 17.32 32.49 3.72
CA PRO A 91 16.00 32.33 3.10
C PRO A 91 16.05 32.07 1.57
N TYR A 92 15.19 31.17 1.10
CA TYR A 92 15.20 30.75 -0.32
C TYR A 92 13.85 30.28 -0.81
N ASP A 93 13.67 30.31 -2.12
CA ASP A 93 12.60 29.57 -2.77
C ASP A 93 13.13 28.74 -3.95
N VAL A 94 12.34 27.74 -4.32
CA VAL A 94 12.61 26.89 -5.45
C VAL A 94 11.38 26.96 -6.33
N PRO A 95 11.46 27.66 -7.48
CA PRO A 95 10.42 27.45 -8.51
C PRO A 95 10.28 25.96 -8.84
N ASP A 96 9.08 25.41 -8.83
CA ASP A 96 8.88 23.96 -9.02
C ASP A 96 9.68 23.17 -7.94
N TYR A 97 9.57 23.65 -6.70
CA TYR A 97 9.99 22.93 -5.49
C TYR A 97 9.56 21.46 -5.50
N ALA A 98 8.28 21.23 -5.81
CA ALA A 98 7.70 19.87 -5.82
C ALA A 98 8.43 18.89 -6.76
N SER A 99 8.87 19.37 -7.92
CA SER A 99 9.58 18.52 -8.89
C SER A 99 11.01 18.17 -8.46
N LEU A 100 11.74 19.15 -7.94
CA LEU A 100 13.08 18.91 -7.40
C LEU A 100 13.02 17.93 -6.21
N ARG A 101 12.12 18.20 -5.27
CA ARG A 101 11.85 17.29 -4.14
C ARG A 101 11.57 15.86 -4.64
N SER A 102 10.64 15.74 -5.59
CA SER A 102 10.29 14.45 -6.17
C SER A 102 11.48 13.75 -6.80
N LEU A 103 12.25 14.44 -7.63
CA LEU A 103 13.31 13.76 -8.38
C LEU A 103 14.48 13.32 -7.46
N VAL A 104 14.75 14.09 -6.42
CA VAL A 104 15.74 13.70 -5.41
C VAL A 104 15.21 12.51 -4.59
N ALA A 105 13.96 12.60 -4.11
CA ALA A 105 13.30 11.50 -3.37
C ALA A 105 13.39 10.18 -4.08
N SER A 106 13.06 10.24 -5.37
CA SER A 106 13.05 9.08 -6.23
C SER A 106 14.47 8.55 -6.52
N SER A 107 15.44 9.46 -6.63
CA SER A 107 16.84 9.07 -6.79
C SER A 107 17.36 8.31 -5.57
N GLY A 108 16.96 8.73 -4.37
CA GLY A 108 17.20 7.94 -3.17
C GLY A 108 18.62 8.02 -2.61
N THR A 109 19.37 9.03 -3.04
CA THR A 109 20.72 9.28 -2.51
C THR A 109 21.09 10.75 -2.45
N LEU A 110 21.88 11.14 -1.45
CA LEU A 110 22.48 12.49 -1.37
C LEU A 110 23.99 12.51 -1.67
N GLU A 111 24.49 11.42 -2.26
CA GLU A 111 25.88 11.31 -2.68
C GLU A 111 26.27 12.54 -3.48
N PHE A 112 27.31 13.21 -2.99
CA PHE A 112 27.82 14.44 -3.57
C PHE A 112 29.33 14.31 -3.80
N ASN A 113 29.74 14.57 -5.04
CA ASN A 113 31.15 14.66 -5.41
C ASN A 113 31.53 16.13 -5.58
N ASN A 114 32.54 16.57 -4.85
CA ASN A 114 33.08 17.93 -5.02
C ASN A 114 33.78 18.11 -6.38
N GLU A 115 33.74 19.31 -6.92
CA GLU A 115 34.43 19.61 -8.18
C GLU A 115 35.18 20.95 -8.14
N SER A 116 36.36 20.96 -8.75
CA SER A 116 37.23 22.15 -8.83
C SER A 116 36.90 23.04 -10.05
N PHE A 117 36.06 24.06 -9.79
CA PHE A 117 35.72 25.08 -10.78
C PHE A 117 36.79 26.18 -10.77
N ASN A 118 37.11 26.71 -11.95
CA ASN A 118 38.12 27.78 -12.09
C ASN A 118 37.47 29.13 -11.73
N TRP A 119 37.28 29.38 -10.42
CA TRP A 119 36.74 30.65 -9.94
C TRP A 119 37.90 31.62 -9.65
N THR A 120 38.28 32.37 -10.67
CA THR A 120 39.18 33.52 -10.52
C THR A 120 38.51 34.74 -11.17
N GLY A 121 38.59 35.88 -10.47
CA GLY A 121 37.79 37.07 -10.78
C GLY A 121 36.60 37.29 -9.86
N VAL A 122 36.58 36.58 -8.71
CA VAL A 122 35.55 36.76 -7.66
C VAL A 122 36.08 36.26 -6.30
N THR A 123 35.46 36.72 -5.21
CA THR A 123 35.65 36.12 -3.88
C THR A 123 34.62 34.99 -3.65
N GLN A 124 35.16 33.79 -3.44
CA GLN A 124 34.37 32.61 -3.12
C GLN A 124 33.94 32.62 -1.66
N ASN A 125 33.07 31.68 -1.30
CA ASN A 125 32.75 31.34 0.08
C ASN A 125 32.10 32.47 0.90
N GLY A 126 31.22 33.25 0.26
CA GLY A 126 30.47 34.28 0.97
C GLY A 126 29.65 33.68 2.10
N THR A 127 29.57 34.37 3.24
CA THR A 127 28.77 33.89 4.38
C THR A 127 27.76 34.96 4.86
N SER A 128 27.03 34.64 5.93
CA SER A 128 25.97 35.50 6.49
C SER A 128 25.62 35.14 7.93
N SER A 129 24.96 36.08 8.62
CA SER A 129 24.53 35.88 10.02
C SER A 129 23.31 34.96 10.18
N ALA A 130 22.55 34.76 9.11
CA ALA A 130 21.36 33.90 9.14
C ALA A 130 21.64 32.41 8.93
N CYS A 131 22.88 32.05 8.62
CA CYS A 131 23.27 30.66 8.43
C CYS A 131 24.48 30.33 9.31
N ILE A 132 24.17 30.12 10.58
CA ILE A 132 25.14 29.82 11.64
C ILE A 132 25.53 28.34 11.60
N ARG A 133 26.80 28.08 11.29
CA ARG A 133 27.38 26.74 11.31
C ARG A 133 28.57 26.75 12.28
N ARG A 134 28.56 25.83 13.26
CA ARG A 134 29.62 25.73 14.28
C ARG A 134 29.92 27.10 14.93
N SER A 135 28.86 27.78 15.35
CA SER A 135 28.94 29.11 15.97
C SER A 135 29.78 30.12 15.17
N ASN A 136 29.54 30.18 13.88
CA ASN A 136 30.26 31.09 12.99
C ASN A 136 29.47 31.31 11.70
N ASN A 137 29.32 32.58 11.30
CA ASN A 137 28.64 32.91 10.05
C ASN A 137 29.11 31.96 8.96
N SER A 138 28.15 31.36 8.27
CA SER A 138 28.41 30.31 7.28
C SER A 138 27.39 30.39 6.15
N PHE A 139 27.30 29.30 5.36
CA PHE A 139 26.36 29.20 4.23
C PHE A 139 25.94 27.74 3.97
N PHE A 140 25.10 27.51 2.95
CA PHE A 140 24.72 26.18 2.50
C PHE A 140 25.97 25.40 2.06
N SER A 141 26.24 24.27 2.72
CA SER A 141 27.45 23.44 2.45
C SER A 141 27.71 23.08 0.97
N ARG A 142 26.65 22.92 0.18
CA ARG A 142 26.81 22.51 -1.23
C ARG A 142 26.78 23.67 -2.21
N LEU A 143 26.59 24.88 -1.69
CA LEU A 143 26.64 26.08 -2.50
C LEU A 143 27.87 26.91 -2.17
N ASN A 144 28.26 27.76 -3.11
CA ASN A 144 29.45 28.62 -3.00
C ASN A 144 28.97 30.01 -3.38
N TRP A 145 28.80 30.87 -2.38
CA TRP A 145 28.39 32.27 -2.60
C TRP A 145 29.58 33.07 -3.17
N LEU A 146 29.43 33.54 -4.41
CA LEU A 146 30.45 34.27 -5.15
C LEU A 146 30.20 35.79 -5.15
N THR A 147 31.17 36.56 -4.61
CA THR A 147 31.17 38.04 -4.51
C THR A 147 32.41 38.64 -5.24
N HIS A 148 32.63 39.97 -5.18
CA HIS A 148 33.72 40.63 -5.96
C HIS A 148 35.17 40.32 -5.52
N LEU A 149 36.14 40.83 -6.29
CA LEU A 149 37.55 40.90 -5.88
C LEU A 149 38.14 42.30 -6.20
N LYS A 150 38.20 43.15 -5.17
CA LYS A 150 38.71 44.54 -5.23
C LYS A 150 37.93 45.50 -6.15
N PHE A 151 36.70 45.83 -5.78
CA PHE A 151 35.84 46.80 -6.49
C PHE A 151 35.61 46.49 -7.98
N LYS A 152 35.67 45.21 -8.37
CA LYS A 152 35.53 44.78 -9.77
C LYS A 152 34.95 43.36 -9.90
N TYR A 153 34.40 43.07 -11.08
CA TYR A 153 33.68 41.80 -11.33
C TYR A 153 33.58 41.59 -12.87
N PRO A 154 34.52 40.83 -13.46
CA PRO A 154 34.52 40.61 -14.92
C PRO A 154 33.61 39.45 -15.35
N ALA A 155 33.50 39.26 -16.66
CA ALA A 155 32.60 38.25 -17.23
C ALA A 155 33.13 36.81 -17.05
N LEU A 156 32.57 36.09 -16.08
CA LEU A 156 32.92 34.68 -15.83
C LEU A 156 32.52 33.76 -16.98
N ASN A 157 33.20 32.62 -17.09
CA ASN A 157 33.03 31.70 -18.22
C ASN A 157 33.68 30.33 -17.91
N VAL A 158 33.06 29.60 -16.98
CA VAL A 158 33.59 28.31 -16.45
C VAL A 158 32.89 27.09 -17.04
N THR A 159 33.69 26.06 -17.36
CA THR A 159 33.22 24.87 -18.06
C THR A 159 33.56 23.60 -17.26
N MET A 160 32.68 22.60 -17.31
CA MET A 160 32.84 21.35 -16.57
C MET A 160 32.08 20.19 -17.26
N PRO A 161 32.81 19.25 -17.91
CA PRO A 161 32.14 18.18 -18.64
C PRO A 161 31.84 16.93 -17.81
N ASN A 162 30.84 16.16 -18.27
CA ASN A 162 30.41 14.94 -17.62
C ASN A 162 30.95 13.74 -18.40
N ASN A 163 32.06 13.20 -17.90
CA ASN A 163 32.67 11.98 -18.49
C ASN A 163 32.21 10.70 -17.79
N GLU A 164 31.28 10.85 -16.84
CA GLU A 164 30.80 9.72 -16.05
C GLU A 164 29.68 9.01 -16.82
N LYS A 165 29.20 7.89 -16.25
CA LYS A 165 28.15 7.08 -16.88
C LYS A 165 26.75 7.26 -16.24
N PHE A 166 26.65 8.22 -15.33
CA PHE A 166 25.37 8.56 -14.69
C PHE A 166 25.10 10.01 -15.03
N ASP A 167 23.82 10.36 -14.98
CA ASP A 167 23.38 11.75 -14.98
C ASP A 167 24.05 12.44 -13.77
N LYS A 168 24.61 13.63 -14.00
CA LYS A 168 25.01 14.53 -12.91
C LYS A 168 23.87 15.50 -12.64
N LEU A 169 23.64 15.80 -11.35
CA LEU A 169 22.65 16.77 -10.91
C LEU A 169 23.33 17.97 -10.24
N TYR A 170 23.20 19.14 -10.89
CA TYR A 170 23.80 20.38 -10.43
C TYR A 170 22.73 21.28 -9.82
N ILE A 171 22.93 21.63 -8.55
CA ILE A 171 22.11 22.64 -7.86
C ILE A 171 22.84 23.97 -7.76
N TRP A 172 22.17 25.04 -8.20
CA TRP A 172 22.72 26.40 -8.25
C TRP A 172 21.65 27.47 -8.03
N GLY A 173 22.07 28.74 -7.89
CA GLY A 173 21.10 29.80 -7.61
C GLY A 173 21.51 31.23 -7.89
N VAL A 174 20.54 32.13 -7.67
CA VAL A 174 20.67 33.58 -7.81
C VAL A 174 20.43 34.24 -6.44
N HIS A 175 21.21 35.27 -6.14
CA HIS A 175 20.92 36.17 -5.00
C HIS A 175 20.13 37.38 -5.47
N HIS A 176 19.10 37.73 -4.70
CA HIS A 176 18.23 38.88 -4.95
C HIS A 176 18.47 39.90 -3.80
N PRO A 177 19.31 40.92 -4.03
CA PRO A 177 19.73 41.83 -2.93
C PRO A 177 18.65 42.81 -2.42
N VAL A 178 18.62 43.05 -1.09
CA VAL A 178 17.49 43.77 -0.40
C VAL A 178 17.33 45.22 -0.86
N THR A 179 18.46 45.85 -1.18
CA THR A 179 18.48 47.25 -1.59
C THR A 179 19.75 47.44 -2.45
N ASP A 180 20.20 48.69 -2.65
CA ASP A 180 21.52 48.97 -3.23
C ASP A 180 22.68 49.03 -2.20
N ASN A 181 22.39 48.75 -0.92
CA ASN A 181 23.43 48.53 0.10
C ASN A 181 24.16 47.18 -0.04
N ASP A 182 23.53 46.21 -0.71
CA ASP A 182 24.16 44.92 -1.06
C ASP A 182 24.07 44.58 -2.57
N GLN A 183 23.94 45.61 -3.42
CA GLN A 183 24.15 45.49 -4.89
C GLN A 183 25.47 46.16 -5.34
N ILE A 184 25.95 47.16 -4.58
CA ILE A 184 27.28 47.79 -4.79
C ILE A 184 28.36 47.23 -3.81
N PHE A 185 27.96 46.49 -2.77
CA PHE A 185 28.90 45.93 -1.77
C PHE A 185 29.52 44.56 -2.16
N PRO A 186 28.70 43.50 -2.42
CA PRO A 186 29.31 42.22 -2.84
C PRO A 186 29.58 41.98 -4.35
N TYR A 187 29.07 42.83 -5.26
CA TYR A 187 29.27 42.61 -6.73
C TYR A 187 29.89 43.78 -7.56
N ALA A 188 29.97 44.98 -6.97
CA ALA A 188 30.75 46.13 -7.52
C ALA A 188 30.23 46.79 -8.81
N GLN A 189 28.91 46.74 -9.03
CA GLN A 189 28.29 47.32 -10.23
C GLN A 189 26.77 47.46 -10.09
N ALA A 190 26.14 48.12 -11.07
CA ALA A 190 24.68 48.35 -11.05
C ALA A 190 23.84 47.09 -11.31
N SER A 191 24.31 46.22 -12.21
CA SER A 191 23.50 45.10 -12.76
C SER A 191 24.23 43.75 -12.75
N GLY A 192 23.45 42.67 -12.81
CA GLY A 192 23.97 41.29 -12.84
C GLY A 192 23.14 40.32 -13.68
N ARG A 193 23.70 39.14 -13.93
CA ARG A 193 23.03 38.08 -14.72
C ARG A 193 23.77 36.73 -14.63
N ILE A 194 23.02 35.66 -14.78
CA ILE A 194 23.53 34.27 -14.68
C ILE A 194 22.94 33.42 -15.80
N THR A 195 23.78 32.63 -16.49
CA THR A 195 23.36 31.74 -17.60
C THR A 195 23.99 30.33 -17.46
N VAL A 196 23.22 29.37 -16.92
CA VAL A 196 23.72 28.00 -16.78
C VAL A 196 23.18 27.10 -17.90
N SER A 197 24.06 26.75 -18.84
CA SER A 197 23.71 26.00 -20.06
C SER A 197 24.50 24.69 -20.27
N THR A 198 24.05 23.91 -21.26
CA THR A 198 24.66 22.63 -21.65
C THR A 198 24.63 22.51 -23.18
N LYS A 199 24.99 21.36 -23.74
CA LYS A 199 24.79 21.13 -25.19
C LYS A 199 23.30 21.17 -25.59
N ARG A 200 22.42 20.62 -24.74
CA ARG A 200 20.98 20.53 -25.06
C ARG A 200 20.10 21.63 -24.42
N SER A 201 20.57 22.25 -23.34
CA SER A 201 19.72 23.13 -22.51
C SER A 201 20.37 24.46 -22.16
N GLN A 202 19.53 25.46 -21.87
CA GLN A 202 19.99 26.78 -21.39
C GLN A 202 18.96 27.37 -20.42
N GLN A 203 19.43 27.78 -19.24
CA GLN A 203 18.62 28.51 -18.26
C GLN A 203 19.37 29.79 -17.92
N THR A 204 18.67 30.93 -18.00
CA THR A 204 19.24 32.25 -17.69
C THR A 204 18.35 32.93 -16.62
N VAL A 205 18.96 33.68 -15.70
CA VAL A 205 18.23 34.32 -14.60
C VAL A 205 18.73 35.74 -14.28
N ILE A 206 17.78 36.66 -14.06
CA ILE A 206 18.03 38.07 -13.71
C ILE A 206 17.94 38.27 -12.18
N PRO A 207 18.99 38.81 -11.53
CA PRO A 207 18.85 39.17 -10.11
C PRO A 207 17.85 40.31 -9.94
N ASN A 208 17.21 40.36 -8.78
CA ASN A 208 16.10 41.27 -8.56
C ASN A 208 16.41 42.12 -7.33
N ILE A 209 16.61 43.43 -7.56
CA ILE A 209 16.88 44.38 -6.47
C ILE A 209 15.52 44.79 -5.89
N GLY A 210 15.36 44.60 -4.58
CA GLY A 210 14.10 44.86 -3.90
C GLY A 210 14.04 44.25 -2.52
N SER A 211 13.27 44.89 -1.62
CA SER A 211 13.09 44.42 -0.25
C SER A 211 11.98 43.37 -0.20
N ARG A 212 12.19 42.29 0.56
CA ARG A 212 11.16 41.28 0.88
C ARG A 212 10.78 41.33 2.38
N PRO A 213 9.57 40.85 2.76
CA PRO A 213 9.23 40.71 4.19
C PRO A 213 10.17 39.72 4.87
N ARG A 214 10.66 40.08 6.06
CA ARG A 214 11.73 39.33 6.72
C ARG A 214 11.31 37.90 7.11
N VAL A 215 12.25 36.96 6.95
CA VAL A 215 12.08 35.56 7.34
C VAL A 215 13.33 35.19 8.16
N ARG A 216 13.15 35.13 9.49
CA ARG A 216 14.25 35.08 10.47
C ARG A 216 15.17 36.30 10.33
N ASN A 217 14.54 37.48 10.24
CA ASN A 217 15.21 38.80 10.22
C ASN A 217 15.98 39.20 8.93
N ILE A 218 15.93 38.36 7.86
CA ILE A 218 16.60 38.66 6.56
C ILE A 218 15.59 38.98 5.44
N PRO A 219 15.74 40.15 4.76
CA PRO A 219 14.80 40.56 3.72
C PRO A 219 15.28 40.35 2.26
N SER A 220 16.42 39.68 2.08
CA SER A 220 16.88 39.23 0.75
C SER A 220 16.48 37.78 0.58
N ARG A 221 16.49 37.30 -0.66
CA ARG A 221 16.18 35.91 -1.00
C ARG A 221 17.16 35.33 -1.99
N ILE A 222 17.30 34.02 -1.96
CA ILE A 222 17.95 33.26 -3.02
C ILE A 222 16.84 32.51 -3.77
N SER A 223 17.06 32.24 -5.05
CA SER A 223 16.18 31.40 -5.86
C SER A 223 17.01 30.23 -6.38
N ILE A 224 16.51 29.02 -6.19
CA ILE A 224 17.26 27.80 -6.46
C ILE A 224 16.75 27.15 -7.74
N TYR A 225 17.69 26.79 -8.62
CA TYR A 225 17.41 26.09 -9.87
C TYR A 225 18.29 24.84 -9.96
N TRP A 226 18.03 24.01 -10.97
CA TRP A 226 18.79 22.78 -11.15
C TRP A 226 18.96 22.45 -12.61
N THR A 227 19.98 21.63 -12.88
CA THR A 227 20.39 21.27 -14.23
C THR A 227 20.93 19.84 -14.24
N ILE A 228 20.39 19.02 -15.12
CA ILE A 228 20.85 17.65 -15.27
C ILE A 228 21.80 17.57 -16.47
N VAL A 229 22.98 17.01 -16.26
CA VAL A 229 23.98 16.88 -17.32
C VAL A 229 24.25 15.40 -17.55
N LYS A 230 23.94 14.93 -18.75
CA LYS A 230 24.10 13.52 -19.15
C LYS A 230 25.57 13.20 -19.53
N PRO A 231 25.89 11.89 -19.66
CA PRO A 231 27.19 11.42 -20.21
C PRO A 231 27.50 11.94 -21.61
N GLY A 232 28.69 12.51 -21.77
CA GLY A 232 29.11 13.12 -23.04
C GLY A 232 28.82 14.61 -23.14
N ASP A 233 28.08 15.15 -22.18
CA ASP A 233 27.61 16.52 -22.21
C ASP A 233 28.44 17.38 -21.24
N ILE A 234 28.24 18.69 -21.29
CA ILE A 234 29.06 19.68 -20.58
C ILE A 234 28.16 20.75 -19.93
N LEU A 235 28.62 21.30 -18.81
CA LEU A 235 27.93 22.39 -18.10
C LEU A 235 28.71 23.69 -18.32
N LEU A 236 28.02 24.78 -18.66
CA LEU A 236 28.64 26.11 -18.78
C LEU A 236 27.93 27.13 -17.90
N ILE A 237 28.73 27.93 -17.19
CA ILE A 237 28.22 29.00 -16.34
C ILE A 237 28.87 30.34 -16.76
N ASN A 238 28.16 31.06 -17.64
CA ASN A 238 28.45 32.48 -17.96
C ASN A 238 27.80 33.32 -16.84
N SER A 239 28.54 34.24 -16.22
CA SER A 239 27.97 35.07 -15.15
C SER A 239 28.60 36.44 -15.03
N THR A 240 27.76 37.47 -14.90
CA THR A 240 28.20 38.85 -14.76
C THR A 240 27.80 39.45 -13.40
N GLY A 241 27.66 38.59 -12.39
CA GLY A 241 27.16 39.01 -11.07
C GLY A 241 26.20 38.01 -10.45
N ASN A 242 26.17 38.03 -9.11
CA ASN A 242 25.09 37.42 -8.30
C ASN A 242 25.03 35.89 -8.21
N LEU A 243 26.05 35.18 -8.69
CA LEU A 243 25.98 33.72 -8.81
C LEU A 243 26.10 33.01 -7.45
N ILE A 244 25.12 32.13 -7.17
CA ILE A 244 25.22 31.16 -6.08
C ILE A 244 25.57 29.86 -6.77
N ALA A 245 26.83 29.45 -6.64
CA ALA A 245 27.44 28.44 -7.49
C ALA A 245 27.44 27.07 -6.83
N PRO A 246 27.45 26.00 -7.66
CA PRO A 246 27.64 24.66 -7.11
C PRO A 246 29.09 24.43 -6.67
N ARG A 247 29.27 23.63 -5.64
CA ARG A 247 30.59 23.09 -5.28
C ARG A 247 30.87 21.73 -5.96
N GLY A 248 29.88 21.23 -6.70
CA GLY A 248 30.00 19.93 -7.41
C GLY A 248 28.65 19.40 -7.86
N TYR A 249 28.51 18.07 -7.88
CA TYR A 249 27.27 17.45 -8.36
C TYR A 249 26.77 16.37 -7.44
N PHE A 250 25.44 16.17 -7.49
CA PHE A 250 24.80 15.00 -6.91
C PHE A 250 24.68 13.91 -7.97
N LYS A 251 24.86 12.66 -7.53
CA LYS A 251 24.59 11.49 -8.37
C LYS A 251 23.11 11.28 -8.34
N ILE A 252 22.54 11.01 -9.50
CA ILE A 252 21.14 10.67 -9.59
C ILE A 252 21.07 9.20 -10.02
N ARG A 253 20.34 8.42 -9.23
CA ARG A 253 20.12 6.99 -9.46
C ARG A 253 18.66 6.77 -9.78
N SER A 254 18.35 5.57 -10.23
CA SER A 254 16.97 5.13 -10.31
C SER A 254 16.80 3.88 -9.47
N GLY A 255 15.61 3.75 -8.90
CA GLY A 255 15.25 2.59 -8.13
C GLY A 255 13.95 2.86 -7.42
N LYS A 256 13.81 2.22 -6.26
CA LYS A 256 12.55 2.15 -5.54
C LYS A 256 12.34 3.27 -4.52
N SER A 257 13.17 4.32 -4.52
CA SER A 257 13.13 5.28 -3.43
C SER A 257 11.98 6.28 -3.51
N SER A 258 11.58 6.80 -2.35
CA SER A 258 10.55 7.80 -2.31
C SER A 258 10.63 8.62 -1.02
N ILE A 259 9.59 9.42 -0.79
CA ILE A 259 9.47 10.34 0.34
C ILE A 259 8.04 10.31 0.81
N MET A 260 7.84 10.49 2.11
CA MET A 260 6.53 10.46 2.74
C MET A 260 6.45 11.51 3.86
N ARG A 261 5.33 12.23 3.95
CA ARG A 261 5.06 13.12 5.08
C ARG A 261 4.37 12.34 6.19
N SER A 262 5.01 12.28 7.34
CA SER A 262 4.46 11.58 8.51
C SER A 262 5.10 12.05 9.79
N ASP A 263 4.30 12.14 10.85
CA ASP A 263 4.81 12.31 12.23
C ASP A 263 4.87 11.02 13.06
N ALA A 264 4.61 9.87 12.46
CA ALA A 264 4.67 8.63 13.21
C ALA A 264 6.13 8.34 13.63
N PRO A 265 6.33 7.84 14.87
CA PRO A 265 7.70 7.48 15.29
C PRO A 265 8.23 6.25 14.56
N ILE A 266 9.56 6.15 14.49
CA ILE A 266 10.22 5.01 13.84
C ILE A 266 10.38 3.92 14.90
N GLY A 267 9.92 2.72 14.61
CA GLY A 267 10.03 1.58 15.53
C GLY A 267 11.05 0.58 15.05
N LYS A 268 11.49 -0.27 15.98
CA LYS A 268 12.44 -1.33 15.69
C LYS A 268 11.58 -2.57 15.48
N CYS A 269 11.15 -2.73 14.25
CA CYS A 269 10.26 -3.82 13.84
C CYS A 269 10.34 -4.01 12.32
N ASN A 270 9.69 -5.06 11.83
CA ASN A 270 9.76 -5.47 10.44
C ASN A 270 8.36 -5.45 9.83
N SER A 271 8.13 -4.60 8.85
CA SER A 271 6.86 -4.53 8.15
C SER A 271 7.02 -4.02 6.72
N GLU A 272 6.48 -4.76 5.75
CA GLU A 272 6.67 -4.42 4.34
C GLU A 272 5.91 -3.16 3.94
N CYS A 273 4.76 -2.91 4.56
CA CYS A 273 3.88 -1.81 4.14
C CYS A 273 3.90 -0.68 5.13
N ILE A 274 4.24 0.50 4.63
CA ILE A 274 4.28 1.74 5.38
C ILE A 274 3.17 2.71 4.89
N THR A 275 2.46 3.30 5.83
CA THR A 275 1.59 4.45 5.57
C THR A 275 2.04 5.58 6.48
N PRO A 276 1.56 6.81 6.23
CA PRO A 276 1.76 7.92 7.17
C PRO A 276 1.25 7.73 8.59
N ASN A 277 0.30 6.80 8.79
CA ASN A 277 -0.21 6.47 10.13
C ASN A 277 0.67 5.46 10.86
N GLY A 278 1.65 4.89 10.16
CA GLY A 278 2.45 3.79 10.65
C GLY A 278 2.39 2.64 9.67
N SER A 279 3.23 1.66 9.94
CA SER A 279 3.19 0.39 9.23
C SER A 279 1.84 -0.34 9.45
N ILE A 280 1.44 -1.13 8.46
CA ILE A 280 0.25 -1.98 8.57
C ILE A 280 0.60 -3.35 8.05
N PRO A 281 -0.04 -4.38 8.59
CA PRO A 281 0.15 -5.68 7.94
C PRO A 281 -0.47 -5.76 6.53
N ASN A 282 0.03 -6.69 5.74
CA ASN A 282 -0.36 -6.83 4.37
C ASN A 282 -0.93 -8.21 4.03
N ASP A 283 -1.40 -8.97 5.04
CA ASP A 283 -2.19 -10.18 4.78
C ASP A 283 -3.45 -9.88 3.94
N LYS A 284 -4.15 -8.79 4.22
CA LYS A 284 -5.42 -8.54 3.57
C LYS A 284 -5.23 -7.88 2.21
N PRO A 285 -6.14 -8.12 1.25
CA PRO A 285 -5.98 -7.51 -0.07
C PRO A 285 -6.33 -6.03 -0.11
N PHE A 286 -7.07 -5.52 0.86
CA PHE A 286 -7.53 -4.12 0.80
C PHE A 286 -7.25 -3.48 2.15
N GLN A 287 -7.31 -2.14 2.19
CA GLN A 287 -7.05 -1.36 3.41
C GLN A 287 -7.72 -0.01 3.35
N ASN A 288 -8.18 0.50 4.49
CA ASN A 288 -8.75 1.85 4.52
C ASN A 288 -8.01 2.78 5.46
N VAL A 289 -6.71 2.55 5.62
CA VAL A 289 -5.91 3.32 6.54
C VAL A 289 -5.45 4.62 5.90
N ASN A 290 -4.86 4.53 4.72
CA ASN A 290 -4.37 5.72 4.02
C ASN A 290 -4.20 5.46 2.55
N ARG A 291 -4.61 6.42 1.73
CA ARG A 291 -4.35 6.34 0.29
C ARG A 291 -2.85 6.49 -0.03
N ILE A 292 -2.06 7.03 0.90
CA ILE A 292 -0.62 7.14 0.71
C ILE A 292 0.02 5.90 1.32
N THR A 293 0.76 5.15 0.51
CA THR A 293 1.45 3.94 0.95
C THR A 293 2.86 3.83 0.31
N TYR A 294 3.67 2.97 0.89
CA TYR A 294 4.99 2.61 0.38
C TYR A 294 5.25 1.14 0.72
N GLY A 295 5.70 0.36 -0.26
CA GLY A 295 5.98 -1.07 -0.10
C GLY A 295 4.90 -2.00 -0.60
N ALA A 296 4.98 -3.26 -0.19
CA ALA A 296 4.00 -4.26 -0.58
C ALA A 296 2.79 -4.07 0.33
N CYS A 297 1.78 -3.40 -0.20
CA CYS A 297 0.66 -2.91 0.58
C CYS A 297 -0.69 -3.41 0.03
N PRO A 298 -1.68 -3.57 0.91
CA PRO A 298 -3.04 -3.73 0.43
C PRO A 298 -3.53 -2.49 -0.34
N ARG A 299 -4.49 -2.66 -1.23
CA ARG A 299 -4.99 -1.55 -2.03
C ARG A 299 -5.99 -0.72 -1.25
N TYR A 300 -5.85 0.59 -1.36
CA TYR A 300 -6.76 1.50 -0.67
C TYR A 300 -8.18 1.47 -1.28
N VAL A 301 -9.18 1.30 -0.42
CA VAL A 301 -10.60 1.34 -0.77
C VAL A 301 -11.37 2.20 0.25
N LYS A 302 -12.54 2.67 -0.16
CA LYS A 302 -13.37 3.52 0.67
C LYS A 302 -14.08 2.78 1.82
N GLN A 303 -14.34 1.48 1.67
CA GLN A 303 -15.08 0.71 2.68
C GLN A 303 -14.23 0.47 3.96
N ASN A 304 -14.92 0.41 5.11
CA ASN A 304 -14.36 0.09 6.45
C ASN A 304 -14.16 -1.39 6.64
N THR A 305 -15.06 -2.15 6.06
CA THR A 305 -15.13 -3.57 6.28
C THR A 305 -15.67 -4.25 5.02
N LEU A 306 -15.10 -5.40 4.69
CA LEU A 306 -15.65 -6.27 3.70
C LEU A 306 -15.41 -7.73 4.15
N LYS A 307 -16.49 -8.40 4.52
CA LYS A 307 -16.44 -9.76 5.04
C LYS A 307 -16.64 -10.80 3.94
N LEU A 308 -15.64 -11.66 3.75
CA LEU A 308 -15.71 -12.78 2.82
C LEU A 308 -16.14 -14.01 3.60
N ALA A 309 -17.23 -14.63 3.19
CA ALA A 309 -17.69 -15.87 3.83
C ALA A 309 -16.63 -16.99 3.68
N THR A 310 -16.39 -17.70 4.77
CA THR A 310 -15.52 -18.86 4.76
C THR A 310 -16.24 -20.09 5.24
N GLY A 311 -17.56 -20.05 5.23
CA GLY A 311 -18.39 -21.20 5.55
C GLY A 311 -19.75 -21.08 4.91
N MET A 312 -20.53 -22.14 5.06
CA MET A 312 -21.89 -22.19 4.58
C MET A 312 -22.81 -21.24 5.34
N ARG A 313 -24.00 -21.10 4.77
CA ARG A 313 -25.07 -20.42 5.41
C ARG A 313 -25.36 -21.05 6.77
N ASN A 314 -25.53 -20.20 7.78
CA ASN A 314 -25.83 -20.67 9.12
C ASN A 314 -27.35 -20.76 9.30
N VAL A 315 -27.84 -21.95 9.61
CA VAL A 315 -29.29 -22.17 9.79
C VAL A 315 -29.49 -22.77 11.18
N PRO A 316 -29.62 -21.94 12.21
CA PRO A 316 -29.60 -22.43 13.60
C PRO A 316 -30.78 -23.31 14.00
N GLU A 317 -30.52 -24.14 15.03
CA GLU A 317 -31.31 -25.35 15.37
C GLU A 317 -32.65 -25.06 16.09
N GLY B 1 -27.99 -21.84 -1.49
CA GLY B 1 -29.46 -21.73 -1.74
C GLY B 1 -29.91 -22.22 -3.11
N ILE B 2 -29.02 -22.20 -4.11
CA ILE B 2 -29.44 -22.46 -5.47
C ILE B 2 -29.74 -23.95 -5.73
N PHE B 3 -29.21 -24.86 -4.89
CA PHE B 3 -29.53 -26.29 -5.00
C PHE B 3 -30.68 -26.74 -4.10
N GLY B 4 -31.02 -26.00 -3.06
CA GLY B 4 -32.23 -26.28 -2.33
C GLY B 4 -32.07 -27.18 -1.13
N ALA B 5 -30.84 -27.53 -0.76
CA ALA B 5 -30.61 -28.39 0.39
C ALA B 5 -30.51 -27.57 1.68
N ILE B 6 -29.44 -26.78 1.80
CA ILE B 6 -29.21 -25.92 2.98
C ILE B 6 -30.16 -24.75 2.94
N ALA B 7 -30.83 -24.52 4.04
CA ALA B 7 -31.96 -23.59 4.13
C ALA B 7 -33.09 -23.86 3.12
N GLY B 8 -33.21 -25.11 2.68
CA GLY B 8 -34.30 -25.57 1.82
C GLY B 8 -34.86 -26.85 2.44
N PHE B 9 -34.72 -27.96 1.73
CA PHE B 9 -35.37 -29.19 2.19
C PHE B 9 -34.77 -29.75 3.49
N ILE B 10 -33.53 -29.41 3.82
CA ILE B 10 -32.99 -29.62 5.17
C ILE B 10 -33.39 -28.45 6.04
N GLU B 11 -34.28 -28.71 7.01
CA GLU B 11 -34.88 -27.65 7.83
C GLU B 11 -33.86 -26.75 8.52
N ASN B 12 -32.84 -27.34 9.12
CA ASN B 12 -31.81 -26.55 9.77
C ASN B 12 -30.51 -27.33 9.96
N GLY B 13 -29.48 -26.60 10.38
CA GLY B 13 -28.19 -27.17 10.69
C GLY B 13 -28.14 -27.78 12.08
N TRP B 14 -27.08 -28.51 12.34
CA TRP B 14 -26.84 -29.21 13.59
C TRP B 14 -25.70 -28.56 14.34
N GLU B 15 -26.01 -27.83 15.41
CA GLU B 15 -24.98 -27.25 16.27
C GLU B 15 -24.15 -28.30 16.99
N GLY B 16 -24.75 -29.45 17.26
CA GLY B 16 -24.04 -30.59 17.83
C GLY B 16 -23.04 -31.31 16.93
N MET B 17 -22.97 -30.98 15.64
CA MET B 17 -21.95 -31.58 14.79
C MET B 17 -20.73 -30.67 14.71
N VAL B 18 -19.70 -31.01 15.48
CA VAL B 18 -18.51 -30.17 15.63
C VAL B 18 -17.27 -30.74 14.94
N ASP B 19 -17.35 -31.91 14.31
CA ASP B 19 -16.17 -32.54 13.71
C ASP B 19 -16.27 -32.68 12.19
N GLY B 20 -17.24 -31.97 11.61
CA GLY B 20 -17.44 -31.94 10.18
C GLY B 20 -18.49 -30.93 9.80
N TRP B 21 -18.54 -30.64 8.52
CA TRP B 21 -19.50 -29.70 7.97
C TRP B 21 -20.79 -30.39 7.53
N TYR B 22 -20.67 -31.64 7.10
CA TYR B 22 -21.79 -32.44 6.59
C TYR B 22 -21.71 -33.78 7.28
N GLY B 23 -22.82 -34.46 7.41
CA GLY B 23 -22.83 -35.79 8.02
C GLY B 23 -24.18 -36.45 8.09
N PHE B 24 -24.25 -37.48 8.94
CA PHE B 24 -25.37 -38.40 9.04
C PHE B 24 -25.88 -38.49 10.47
N ARG B 25 -27.20 -38.51 10.62
CA ARG B 25 -27.85 -38.95 11.84
C ARG B 25 -28.76 -40.13 11.54
N HIS B 26 -28.81 -41.10 12.44
CA HIS B 26 -29.62 -42.30 12.25
C HIS B 26 -30.37 -42.64 13.49
N GLN B 27 -31.49 -43.35 13.29
CA GLN B 27 -32.18 -44.07 14.35
C GLN B 27 -32.37 -45.52 13.91
N ASN B 28 -31.97 -46.45 14.77
CA ASN B 28 -32.08 -47.86 14.46
C ASN B 28 -32.35 -48.62 15.76
N SER B 29 -32.33 -49.95 15.70
CA SER B 29 -32.54 -50.81 16.88
C SER B 29 -31.60 -50.52 18.04
N GLU B 30 -30.34 -50.19 17.72
CA GLU B 30 -29.29 -49.94 18.70
C GLU B 30 -29.21 -48.50 19.25
N GLY B 31 -30.11 -47.60 18.83
CA GLY B 31 -30.14 -46.21 19.30
C GLY B 31 -30.16 -45.13 18.22
N ILE B 32 -29.66 -43.95 18.59
CA ILE B 32 -29.66 -42.76 17.73
C ILE B 32 -28.27 -42.13 17.71
N GLY B 33 -27.66 -42.05 16.54
CA GLY B 33 -26.29 -41.54 16.44
C GLY B 33 -26.03 -40.52 15.35
N GLN B 34 -24.77 -40.07 15.33
CA GLN B 34 -24.28 -39.03 14.44
C GLN B 34 -22.83 -39.34 14.06
N ALA B 35 -22.50 -39.17 12.78
CA ALA B 35 -21.13 -39.26 12.26
C ALA B 35 -20.95 -38.23 11.13
N ALA B 36 -19.80 -37.57 11.15
CA ALA B 36 -19.44 -36.57 10.15
C ALA B 36 -18.98 -37.27 8.90
N ASP B 37 -19.20 -36.66 7.74
CA ASP B 37 -18.66 -37.17 6.46
C ASP B 37 -17.44 -36.30 6.13
N LEU B 38 -16.27 -36.91 6.08
CA LEU B 38 -15.01 -36.16 5.86
C LEU B 38 -14.81 -35.70 4.42
N LYS B 39 -15.16 -36.51 3.45
CA LYS B 39 -14.93 -36.22 2.02
C LYS B 39 -15.69 -34.96 1.53
N SER B 40 -16.98 -34.87 1.87
CA SER B 40 -17.78 -33.72 1.49
C SER B 40 -17.32 -32.46 2.25
N THR B 41 -17.06 -32.61 3.55
CA THR B 41 -16.48 -31.54 4.35
C THR B 41 -15.16 -31.02 3.74
N GLN B 42 -14.28 -31.94 3.36
CA GLN B 42 -12.99 -31.55 2.81
C GLN B 42 -13.18 -30.92 1.41
N ALA B 43 -14.17 -31.37 0.64
CA ALA B 43 -14.45 -30.76 -0.68
C ALA B 43 -14.82 -29.29 -0.57
N ALA B 44 -15.70 -28.96 0.36
CA ALA B 44 -16.12 -27.59 0.58
C ALA B 44 -14.97 -26.74 1.07
N ILE B 45 -14.29 -27.23 2.11
CA ILE B 45 -13.09 -26.58 2.65
C ILE B 45 -12.00 -26.30 1.62
N ASP B 46 -11.65 -27.26 0.78
CA ASP B 46 -10.65 -27.01 -0.27
C ASP B 46 -11.03 -25.87 -1.22
N GLN B 47 -12.31 -25.81 -1.58
CA GLN B 47 -12.77 -24.78 -2.51
C GLN B 47 -12.67 -23.39 -1.89
N ILE B 48 -13.06 -23.27 -0.63
CA ILE B 48 -12.96 -22.01 0.08
C ILE B 48 -11.50 -21.63 0.30
N ASN B 49 -10.63 -22.60 0.59
CA ASN B 49 -9.18 -22.31 0.68
C ASN B 49 -8.61 -21.85 -0.66
N GLY B 50 -9.14 -22.39 -1.76
CA GLY B 50 -8.79 -21.93 -3.09
C GLY B 50 -9.08 -20.44 -3.28
N LYS B 51 -10.24 -20.01 -2.80
CA LYS B 51 -10.58 -18.59 -2.87
C LYS B 51 -9.65 -17.80 -1.99
N LEU B 52 -9.38 -18.31 -0.78
CA LEU B 52 -8.47 -17.61 0.13
C LEU B 52 -7.05 -17.41 -0.42
N ASN B 53 -6.53 -18.43 -1.11
CA ASN B 53 -5.19 -18.40 -1.66
CA ASN B 53 -5.20 -18.42 -1.70
C ASN B 53 -5.06 -17.32 -2.75
N ARG B 54 -6.13 -17.07 -3.48
CA ARG B 54 -6.19 -15.98 -4.45
C ARG B 54 -6.24 -14.58 -3.84
N LEU B 55 -6.72 -14.43 -2.60
CA LEU B 55 -6.98 -13.10 -2.00
C LEU B 55 -6.08 -12.72 -0.84
N ILE B 56 -5.65 -13.68 -0.04
CA ILE B 56 -4.80 -13.42 1.13
C ILE B 56 -3.32 -13.50 0.73
N GLY B 57 -2.52 -12.58 1.28
CA GLY B 57 -1.08 -12.53 1.06
C GLY B 57 -0.60 -12.30 -0.38
N LYS B 58 -1.38 -11.62 -1.22
CA LYS B 58 -1.07 -11.49 -2.68
C LYS B 58 -0.81 -10.05 -3.14
N THR B 59 -0.26 -9.20 -2.27
CA THR B 59 -0.21 -7.74 -2.54
C THR B 59 0.79 -7.29 -3.62
N ASN B 60 0.64 -6.03 -4.02
CA ASN B 60 1.45 -5.36 -5.03
C ASN B 60 2.34 -4.27 -4.41
N GLU B 61 3.62 -4.30 -4.76
CA GLU B 61 4.57 -3.29 -4.36
C GLU B 61 4.46 -2.04 -5.18
N LYS B 62 4.32 -0.91 -4.52
CA LYS B 62 4.47 0.35 -5.19
C LYS B 62 5.42 1.23 -4.40
N PHE B 63 6.11 2.10 -5.11
CA PHE B 63 7.16 2.91 -4.51
C PHE B 63 6.86 4.39 -4.71
N HIS B 64 7.62 5.11 -5.51
CA HIS B 64 7.33 6.52 -5.74
C HIS B 64 6.10 6.67 -6.62
N GLN B 65 5.17 7.51 -6.17
CA GLN B 65 3.87 7.67 -6.81
CA GLN B 65 3.88 7.69 -6.84
C GLN B 65 3.67 9.19 -7.04
N ILE B 66 2.44 9.69 -6.95
CA ILE B 66 2.15 11.11 -6.98
C ILE B 66 1.81 11.55 -5.56
N GLU B 67 1.87 12.85 -5.31
CA GLU B 67 1.40 13.40 -4.04
C GLU B 67 -0.13 13.32 -3.99
N LYS B 68 -0.67 13.13 -2.78
CA LYS B 68 -2.10 12.94 -2.57
C LYS B 68 -2.74 13.84 -1.51
N GLU B 69 -1.95 14.75 -0.94
CA GLU B 69 -2.40 15.79 -0.03
C GLU B 69 -1.60 17.04 -0.37
N PHE B 70 -2.21 18.20 -0.15
CA PHE B 70 -1.64 19.45 -0.61
C PHE B 70 -1.95 20.54 0.40
N SER B 71 -0.95 21.37 0.69
CA SER B 71 -1.07 22.46 1.66
C SER B 71 -1.36 23.83 1.01
N GLU B 72 -1.10 23.96 -0.30
CA GLU B 72 -1.37 25.16 -1.10
C GLU B 72 -2.42 24.93 -2.21
N VAL B 73 -3.20 25.97 -2.47
CA VAL B 73 -4.11 26.01 -3.61
C VAL B 73 -3.29 26.21 -4.89
N GLU B 74 -3.47 25.36 -5.91
CA GLU B 74 -2.71 25.50 -7.18
C GLU B 74 -3.50 25.43 -8.49
N GLY B 75 -4.74 24.92 -8.47
CA GLY B 75 -5.50 24.78 -9.70
C GLY B 75 -5.16 23.56 -10.58
N ARG B 76 -5.08 23.81 -11.89
CA ARG B 76 -5.14 22.78 -12.92
C ARG B 76 -4.40 21.48 -12.61
N ILE B 77 -3.11 21.56 -12.34
CA ILE B 77 -2.32 20.36 -12.14
C ILE B 77 -2.75 19.64 -10.87
N GLN B 78 -3.02 20.36 -9.79
CA GLN B 78 -3.52 19.74 -8.57
C GLN B 78 -4.90 19.08 -8.76
N ASP B 79 -5.77 19.71 -9.55
CA ASP B 79 -7.07 19.11 -9.88
C ASP B 79 -6.89 17.73 -10.52
N LEU B 80 -5.95 17.63 -11.46
CA LEU B 80 -5.73 16.42 -12.19
C LEU B 80 -5.17 15.34 -11.27
N GLU B 81 -4.21 15.72 -10.41
CA GLU B 81 -3.64 14.78 -9.44
C GLU B 81 -4.71 14.20 -8.50
N LYS B 82 -5.58 15.05 -7.99
CA LYS B 82 -6.65 14.61 -7.10
C LYS B 82 -7.66 13.75 -7.83
N TYR B 83 -8.00 14.16 -9.06
CA TYR B 83 -8.94 13.44 -9.90
C TYR B 83 -8.47 12.05 -10.23
N VAL B 84 -7.18 11.90 -10.57
CA VAL B 84 -6.60 10.60 -10.93
C VAL B 84 -6.72 9.68 -9.71
N GLU B 85 -6.39 10.20 -8.53
CA GLU B 85 -6.40 9.37 -7.36
C GLU B 85 -7.83 8.98 -6.98
N ASP B 86 -8.77 9.94 -7.04
CA ASP B 86 -10.18 9.68 -6.70
C ASP B 86 -10.82 8.65 -7.68
N THR B 87 -10.48 8.77 -8.96
CA THR B 87 -10.87 7.83 -10.00
C THR B 87 -10.42 6.41 -9.68
N LYS B 88 -9.13 6.29 -9.35
CA LYS B 88 -8.53 5.02 -9.01
C LYS B 88 -9.17 4.34 -7.80
N ILE B 89 -9.36 5.10 -6.74
CA ILE B 89 -9.94 4.58 -5.51
C ILE B 89 -11.39 4.10 -5.74
N ASP B 90 -12.16 4.84 -6.52
CA ASP B 90 -13.52 4.41 -6.80
C ASP B 90 -13.54 3.10 -7.60
N LEU B 91 -12.59 2.92 -8.52
CA LEU B 91 -12.56 1.70 -9.32
C LEU B 91 -12.15 0.50 -8.47
N TRP B 92 -11.14 0.66 -7.64
CA TRP B 92 -10.77 -0.41 -6.68
C TRP B 92 -11.85 -0.70 -5.65
N SER B 93 -12.54 0.33 -5.18
CA SER B 93 -13.62 0.15 -4.22
C SER B 93 -14.75 -0.63 -4.87
N TYR B 94 -15.02 -0.32 -6.13
CA TYR B 94 -15.99 -1.09 -6.90
C TYR B 94 -15.55 -2.54 -7.02
N ASN B 95 -14.28 -2.76 -7.37
CA ASN B 95 -13.77 -4.13 -7.52
C ASN B 95 -13.93 -4.94 -6.23
N ALA B 96 -13.62 -4.31 -5.09
CA ALA B 96 -13.67 -5.01 -3.81
C ALA B 96 -15.09 -5.38 -3.41
N GLU B 97 -16.02 -4.47 -3.65
CA GLU B 97 -17.45 -4.68 -3.34
C GLU B 97 -18.03 -5.83 -4.18
N LEU B 98 -17.77 -5.81 -5.47
CA LEU B 98 -18.28 -6.80 -6.38
C LEU B 98 -17.66 -8.16 -6.09
N LEU B 99 -16.36 -8.19 -5.82
CA LEU B 99 -15.67 -9.42 -5.51
C LEU B 99 -16.31 -10.19 -4.35
N VAL B 100 -16.48 -9.49 -3.24
CA VAL B 100 -17.06 -10.05 -2.03
C VAL B 100 -18.50 -10.50 -2.26
N ALA B 101 -19.30 -9.69 -2.95
CA ALA B 101 -20.70 -10.05 -3.18
C ALA B 101 -20.80 -11.32 -4.03
N LEU B 102 -19.97 -11.42 -5.08
CA LEU B 102 -19.97 -12.59 -5.97
CA LEU B 102 -19.97 -12.57 -5.97
C LEU B 102 -19.37 -13.81 -5.29
N GLU B 103 -18.23 -13.65 -4.65
CA GLU B 103 -17.60 -14.79 -4.00
C GLU B 103 -18.54 -15.35 -2.93
N ASN B 104 -19.21 -14.46 -2.18
CA ASN B 104 -20.11 -14.88 -1.12
C ASN B 104 -21.32 -15.62 -1.62
N GLN B 105 -21.92 -15.15 -2.72
CA GLN B 105 -23.02 -15.88 -3.37
C GLN B 105 -22.55 -17.28 -3.79
N HIS B 106 -21.37 -17.34 -4.40
CA HIS B 106 -20.80 -18.61 -4.85
C HIS B 106 -20.40 -19.54 -3.68
N THR B 107 -19.91 -19.00 -2.58
CA THR B 107 -19.55 -19.84 -1.42
C THR B 107 -20.80 -20.50 -0.84
N ILE B 108 -21.87 -19.73 -0.76
CA ILE B 108 -23.15 -20.22 -0.24
C ILE B 108 -23.69 -21.31 -1.15
N ASP B 109 -23.62 -21.09 -2.45
CA ASP B 109 -24.09 -22.09 -3.44
C ASP B 109 -23.24 -23.35 -3.52
N LEU B 110 -21.92 -23.23 -3.41
CA LEU B 110 -21.06 -24.42 -3.48
C LEU B 110 -21.22 -25.31 -2.25
N THR B 111 -21.45 -24.67 -1.08
CA THR B 111 -21.63 -25.42 0.14
C THR B 111 -22.96 -26.17 0.12
N ASP B 112 -23.99 -25.53 -0.43
CA ASP B 112 -25.30 -26.13 -0.66
C ASP B 112 -25.15 -27.29 -1.65
N SER B 113 -24.37 -27.08 -2.69
CA SER B 113 -24.06 -28.15 -3.64
C SER B 113 -23.44 -29.38 -2.97
N GLU B 114 -22.46 -29.17 -2.10
CA GLU B 114 -21.83 -30.33 -1.43
C GLU B 114 -22.82 -31.11 -0.59
N MET B 115 -23.70 -30.43 0.13
CA MET B 115 -24.79 -31.12 0.85
C MET B 115 -25.64 -31.92 -0.11
N ASN B 116 -26.05 -31.29 -1.20
CA ASN B 116 -26.92 -31.95 -2.18
C ASN B 116 -26.27 -33.20 -2.80
N LYS B 117 -24.99 -33.13 -3.14
CA LYS B 117 -24.27 -34.26 -3.75
C LYS B 117 -24.20 -35.46 -2.80
N LEU B 118 -24.00 -35.20 -1.51
CA LEU B 118 -23.91 -36.26 -0.52
C LEU B 118 -25.27 -36.93 -0.36
N PHE B 119 -26.32 -36.11 -0.33
CA PHE B 119 -27.66 -36.60 -0.25
C PHE B 119 -27.98 -37.49 -1.44
N GLU B 120 -27.73 -36.96 -2.64
CA GLU B 120 -27.93 -37.71 -3.90
C GLU B 120 -27.14 -38.99 -3.96
N LYS B 121 -25.88 -38.95 -3.54
CA LYS B 121 -25.03 -40.15 -3.56
C LYS B 121 -25.64 -41.22 -2.66
N THR B 122 -26.10 -40.80 -1.48
CA THR B 122 -26.67 -41.72 -0.49
C THR B 122 -27.98 -42.34 -1.02
N LYS B 123 -28.81 -41.53 -1.68
CA LYS B 123 -30.08 -42.02 -2.25
C LYS B 123 -29.84 -43.14 -3.29
N LYS B 124 -28.91 -42.92 -4.20
CA LYS B 124 -28.60 -43.94 -5.21
C LYS B 124 -28.11 -45.22 -4.55
N GLN B 125 -27.28 -45.08 -3.52
CA GLN B 125 -26.71 -46.19 -2.77
C GLN B 125 -27.79 -47.14 -2.22
N LEU B 126 -28.86 -46.54 -1.71
CA LEU B 126 -29.93 -47.28 -1.09
C LEU B 126 -30.84 -47.98 -2.08
N ARG B 127 -30.81 -47.63 -3.37
CA ARG B 127 -31.58 -48.34 -4.42
C ARG B 127 -33.06 -48.47 -4.05
N GLU B 128 -33.62 -49.69 -3.97
CA GLU B 128 -35.02 -49.90 -3.62
C GLU B 128 -35.25 -50.18 -2.13
N ASN B 129 -34.24 -49.92 -1.30
CA ASN B 129 -34.31 -50.32 0.11
C ASN B 129 -34.79 -49.21 1.03
N ALA B 130 -34.99 -48.02 0.49
CA ALA B 130 -35.41 -46.86 1.27
C ALA B 130 -36.20 -45.85 0.42
N GLU B 131 -36.88 -44.93 1.09
CA GLU B 131 -37.60 -43.84 0.44
C GLU B 131 -37.22 -42.49 1.08
N ASP B 132 -37.24 -41.45 0.24
CA ASP B 132 -36.92 -40.09 0.59
C ASP B 132 -38.14 -39.47 1.31
N MET B 133 -37.97 -39.06 2.56
CA MET B 133 -39.06 -38.46 3.34
C MET B 133 -39.20 -36.96 3.08
N GLY B 134 -38.34 -36.37 2.25
CA GLY B 134 -38.46 -34.97 1.81
C GLY B 134 -37.80 -33.90 2.67
N ASN B 135 -37.17 -34.32 3.75
CA ASN B 135 -36.55 -33.45 4.73
C ASN B 135 -35.07 -33.80 4.96
N GLY B 136 -34.48 -34.44 3.96
CA GLY B 136 -33.14 -34.97 4.04
C GLY B 136 -32.98 -36.34 4.67
N CYS B 137 -34.07 -36.96 5.12
CA CYS B 137 -34.01 -38.26 5.80
C CYS B 137 -34.57 -39.35 4.90
N PHE B 138 -34.00 -40.54 5.01
CA PHE B 138 -34.50 -41.72 4.31
C PHE B 138 -35.14 -42.64 5.34
N LYS B 139 -36.29 -43.18 4.99
CA LYS B 139 -36.87 -44.30 5.71
C LYS B 139 -36.31 -45.56 5.08
N ILE B 140 -35.59 -46.34 5.88
CA ILE B 140 -34.94 -47.57 5.43
C ILE B 140 -35.85 -48.73 5.85
N TYR B 141 -36.26 -49.54 4.88
CA TYR B 141 -37.32 -50.54 5.08
C TYR B 141 -36.77 -51.91 5.47
N HIS B 142 -35.69 -51.93 6.24
CA HIS B 142 -35.08 -53.14 6.73
C HIS B 142 -34.33 -52.86 8.02
N LYS B 143 -34.13 -53.91 8.82
CA LYS B 143 -33.28 -53.85 10.01
C LYS B 143 -31.89 -53.39 9.59
N CYS B 144 -31.42 -52.31 10.18
CA CYS B 144 -30.14 -51.74 9.80
C CYS B 144 -29.44 -51.29 11.07
N ASP B 145 -28.72 -52.24 11.67
CA ASP B 145 -27.91 -52.04 12.87
C ASP B 145 -26.70 -51.09 12.63
N ASN B 146 -25.89 -50.90 13.67
CA ASN B 146 -24.78 -49.93 13.61
C ASN B 146 -23.75 -50.23 12.51
N ALA B 147 -23.41 -51.49 12.33
CA ALA B 147 -22.53 -51.93 11.25
C ALA B 147 -23.14 -51.66 9.86
N CYS B 148 -24.45 -51.94 9.71
CA CYS B 148 -25.16 -51.62 8.47
C CYS B 148 -25.15 -50.11 8.20
N ILE B 149 -25.49 -49.30 9.20
CA ILE B 149 -25.45 -47.84 9.03
C ILE B 149 -24.04 -47.41 8.62
N GLY B 150 -23.03 -47.94 9.33
CA GLY B 150 -21.61 -47.71 9.01
C GLY B 150 -21.24 -48.09 7.58
N SER B 151 -21.78 -49.21 7.10
CA SER B 151 -21.58 -49.64 5.71
C SER B 151 -22.12 -48.62 4.68
N ILE B 152 -23.21 -47.92 5.01
CA ILE B 152 -23.76 -46.89 4.14
C ILE B 152 -22.85 -45.65 4.12
N ARG B 153 -22.47 -45.19 5.31
CA ARG B 153 -21.53 -44.08 5.46
C ARG B 153 -20.17 -44.35 4.79
N ASN B 154 -19.70 -45.60 4.85
CA ASN B 154 -18.38 -46.00 4.32
C ASN B 154 -18.42 -46.39 2.82
N GLY B 155 -19.60 -46.38 2.19
CA GLY B 155 -19.73 -46.79 0.80
C GLY B 155 -19.56 -48.29 0.55
N THR B 156 -19.75 -49.12 1.58
CA THR B 156 -19.64 -50.59 1.44
C THR B 156 -21.00 -51.31 1.58
N TYR B 157 -22.09 -50.56 1.68
CA TYR B 157 -23.44 -51.14 1.82
C TYR B 157 -23.82 -51.94 0.57
N ASP B 158 -24.17 -53.20 0.77
CA ASP B 158 -24.56 -54.08 -0.33
C ASP B 158 -26.08 -54.16 -0.35
N HIS B 159 -26.70 -53.48 -1.32
CA HIS B 159 -28.17 -53.35 -1.31
C HIS B 159 -28.91 -54.65 -1.59
N ASP B 160 -28.28 -55.59 -2.33
CA ASP B 160 -28.88 -56.91 -2.59
C ASP B 160 -29.13 -57.78 -1.36
N VAL B 161 -28.27 -57.63 -0.36
CA VAL B 161 -28.38 -58.34 0.92
C VAL B 161 -29.75 -58.10 1.56
N TYR B 162 -30.23 -56.85 1.56
CA TYR B 162 -31.48 -56.48 2.22
C TYR B 162 -32.69 -56.33 1.31
N ARG B 163 -32.51 -56.52 0.01
CA ARG B 163 -33.55 -56.09 -0.93
C ARG B 163 -34.88 -56.83 -0.78
N ASP B 164 -34.84 -58.15 -0.57
CA ASP B 164 -36.07 -58.93 -0.35
C ASP B 164 -36.81 -58.46 0.90
N GLU B 165 -36.08 -58.31 2.00
CA GLU B 165 -36.64 -57.75 3.24
C GLU B 165 -37.28 -56.38 2.98
N ALA B 166 -36.58 -55.50 2.27
CA ALA B 166 -37.08 -54.14 2.08
C ALA B 166 -38.29 -54.04 1.14
N LEU B 167 -38.24 -54.75 0.01
CA LEU B 167 -39.38 -54.75 -0.94
C LEU B 167 -40.67 -55.23 -0.29
N ASN B 168 -40.55 -56.32 0.47
CA ASN B 168 -41.63 -56.83 1.29
C ASN B 168 -42.16 -55.81 2.30
N ASN B 169 -41.28 -55.06 2.96
CA ASN B 169 -41.79 -54.03 3.85
C ASN B 169 -42.41 -52.87 3.10
N ARG B 170 -41.82 -52.48 1.97
CA ARG B 170 -42.28 -51.30 1.21
C ARG B 170 -43.65 -51.46 0.57
N PHE B 171 -43.90 -52.64 0.00
CA PHE B 171 -45.12 -52.87 -0.77
C PHE B 171 -46.06 -53.81 -0.04
N GLN B 172 -46.37 -53.46 1.21
CA GLN B 172 -47.32 -54.17 2.07
C GLN B 172 -48.70 -53.51 1.90
N ILE B 173 -49.68 -53.92 2.70
CA ILE B 173 -50.99 -53.26 2.76
C ILE B 173 -51.34 -53.00 4.23
C1 NAG C . -12.93 -18.95 10.03
C2 NAG C . -12.20 -20.04 10.81
C3 NAG C . -10.73 -19.67 11.03
C4 NAG C . -10.03 -19.34 9.71
C5 NAG C . -10.87 -18.43 8.78
C6 NAG C . -10.36 -18.52 7.34
C7 NAG C . -13.46 -21.35 12.42
C8 NAG C . -14.11 -21.37 13.77
N2 NAG C . -12.86 -20.21 12.09
O3 NAG C . -10.07 -20.79 11.63
O4 NAG C . -8.78 -18.69 10.04
O5 NAG C . -12.27 -18.78 8.76
O6 NAG C . -10.68 -19.79 6.75
O7 NAG C . -13.48 -22.32 11.70
C1 NAG C . -7.60 -19.35 9.52
C2 NAG C . -6.50 -18.30 9.44
C3 NAG C . -5.12 -18.89 9.14
C4 NAG C . -4.82 -20.10 10.02
C5 NAG C . -5.97 -21.11 9.94
C6 NAG C . -5.75 -22.35 10.81
C7 NAG C . -7.37 -16.12 8.64
C8 NAG C . -7.59 -15.28 7.41
N2 NAG C . -6.81 -17.31 8.40
O3 NAG C . -4.15 -17.86 9.34
O4 NAG C . -3.56 -20.68 9.60
O5 NAG C . -7.19 -20.47 10.34
O6 NAG C . -5.96 -22.03 12.20
O7 NAG C . -7.69 -15.72 9.75
C1 BMA C . -2.42 -20.18 10.34
C2 BMA C . -1.43 -21.32 10.56
C3 BMA C . -0.30 -20.80 11.45
C4 BMA C . 0.37 -19.59 10.81
C5 BMA C . -0.69 -18.53 10.49
C6 BMA C . -0.09 -17.30 9.79
O2 BMA C . -0.93 -21.81 9.31
O3 BMA C . 0.68 -21.83 11.67
O4 BMA C . 1.34 -19.08 11.72
O5 BMA C . -1.72 -19.11 9.68
O6 BMA C . -0.55 -16.15 10.51
C1 MAN C . 0.52 -22.53 12.93
C2 MAN C . 1.91 -22.88 13.44
C3 MAN C . 2.57 -23.90 12.51
C4 MAN C . 1.65 -25.05 12.07
C5 MAN C . 0.18 -24.67 11.85
C6 MAN C . -0.76 -25.88 11.92
O2 MAN C . 1.84 -23.36 14.79
O3 MAN C . 3.74 -24.45 13.17
O4 MAN C . 2.17 -25.56 10.83
O5 MAN C . -0.27 -23.72 12.83
O6 MAN C . -0.99 -26.40 10.61
C1 MAN C . -0.65 -14.88 9.81
C2 MAN C . -1.82 -14.10 10.44
C3 MAN C . -3.17 -14.27 9.73
C4 MAN C . -3.03 -14.18 8.21
C5 MAN C . -2.00 -15.23 7.77
C6 MAN C . -1.81 -15.32 6.26
O2 MAN C . -1.47 -12.71 10.55
O3 MAN C . -4.12 -13.30 10.21
O4 MAN C . -4.28 -14.38 7.55
O5 MAN C . -0.72 -14.94 8.37
O6 MAN C . -0.91 -16.39 5.96
C1 NAG D . 15.22 19.64 16.39
C2 NAG D . 16.37 19.22 17.31
C3 NAG D . 16.06 19.45 18.80
C4 NAG D . 15.33 20.78 19.07
C5 NAG D . 14.21 21.03 18.06
C6 NAG D . 13.51 22.39 18.20
C7 NAG D . 17.66 17.33 16.36
C8 NAG D . 17.73 15.83 16.23
N2 NAG D . 16.62 17.80 17.06
O3 NAG D . 17.27 19.46 19.56
O4 NAG D . 14.79 20.73 20.41
O5 NAG D . 14.78 20.96 16.75
O6 NAG D . 14.45 23.49 18.27
O7 NAG D . 18.51 18.05 15.85
C1 NAG D . 15.19 21.87 21.21
C2 NAG D . 14.50 21.74 22.57
C3 NAG D . 15.08 22.61 23.69
C4 NAG D . 16.57 22.96 23.54
C5 NAG D . 17.00 23.13 22.09
C6 NAG D . 18.50 23.32 21.95
C7 NAG D . 12.13 21.16 22.21
C8 NAG D . 10.75 21.72 22.01
N2 NAG D . 13.10 22.07 22.37
O3 NAG D . 14.90 21.90 24.92
O4 NAG D . 16.82 24.18 24.26
O5 NAG D . 16.60 21.96 21.37
O6 NAG D . 19.18 22.07 22.18
O7 NAG D . 12.33 19.95 22.24
C1 FUL D . 14.00 24.69 17.60
C2 FUL D . 14.79 25.90 18.08
O2 FUL D . 16.20 25.66 18.16
C3 FUL D . 14.50 27.06 17.12
O3 FUL D . 15.23 28.23 17.51
C4 FUL D . 12.99 27.32 17.09
O4 FUL D . 12.55 27.84 18.36
C5 FUL D . 12.21 26.04 16.79
C6 FUL D . 10.70 26.24 16.87
O5 FUL D . 12.61 25.00 17.70
C1 NAG E . 33.72 30.38 -22.80
C2 NAG E . 34.27 31.11 -24.03
C3 NAG E . 34.17 30.19 -25.27
C4 NAG E . 34.93 28.87 -25.01
C5 NAG E . 34.36 28.22 -23.75
C6 NAG E . 35.11 26.95 -23.33
C7 NAG E . 34.18 33.49 -24.74
C8 NAG E . 33.31 34.71 -24.85
N2 NAG E . 33.60 32.40 -24.24
O3 NAG E . 34.68 30.86 -26.42
O4 NAG E . 34.84 27.96 -26.14
O5 NAG E . 34.39 29.13 -22.64
O6 NAG E . 36.48 27.24 -22.99
O7 NAG E . 35.35 33.55 -25.07
C1 NAG E . 36.11 27.41 -26.59
C2 NAG E . 35.86 26.11 -27.39
C3 NAG E . 36.79 25.87 -28.60
C4 NAG E . 37.41 27.12 -29.20
C5 NAG E . 37.98 27.95 -28.06
C6 NAG E . 38.90 29.12 -28.49
C7 NAG E . 34.94 24.23 -26.02
C8 NAG E . 35.33 23.10 -25.12
N2 NAG E . 35.98 24.96 -26.49
O3 NAG E . 36.07 25.17 -29.63
O4 NAG E . 38.41 26.74 -30.16
O5 NAG E . 36.86 28.42 -27.30
O6 NAG E . 38.18 30.35 -28.68
O7 NAG E . 33.78 24.45 -26.29
C1 NAG F . -4.61 7.97 9.12
C2 NAG F . -5.96 7.82 9.85
C3 NAG F . -7.06 8.63 9.16
C4 NAG F . -6.60 10.02 8.73
C5 NAG F . -5.25 9.96 8.00
C6 NAG F . -4.72 11.34 7.59
C7 NAG F . -6.11 5.62 11.00
C8 NAG F . -6.62 4.21 10.91
N2 NAG F . -6.36 6.42 9.95
O3 NAG F . -8.19 8.76 10.02
O4 NAG F . -7.61 10.57 7.86
O5 NAG F . -4.29 9.32 8.84
O6 NAG F . -4.59 12.18 8.74
O7 NAG F . -5.50 5.96 12.01
C1 NAG F . -7.97 11.90 8.29
C2 NAG F . -8.81 12.60 7.22
C3 NAG F . -9.31 13.97 7.70
C4 NAG F . -9.92 13.90 9.09
C5 NAG F . -8.96 13.18 10.06
C6 NAG F . -9.51 13.05 11.48
C7 NAG F . -8.14 12.03 4.91
C8 NAG F . -7.20 12.38 3.79
N2 NAG F . -8.01 12.76 6.01
O3 NAG F . -10.26 14.49 6.76
O4 NAG F . -10.21 15.22 9.56
O5 NAG F . -8.67 11.89 9.54
O6 NAG F . -10.43 11.95 11.54
O7 NAG F . -8.94 11.13 4.78
C1 NAG G . -17.42 -18.33 17.29
C2 NAG G . -16.36 -17.48 16.54
C3 NAG G . -14.95 -18.04 16.68
C4 NAG G . -14.60 -18.23 18.15
C5 NAG G . -15.61 -19.22 18.75
C6 NAG G . -15.33 -19.54 20.23
C7 NAG G . -17.26 -16.34 14.53
C8 NAG G . -17.43 -16.46 13.04
N2 NAG G . -16.65 -17.38 15.12
O3 NAG G . -14.01 -17.16 16.02
O4 NAG G . -13.24 -18.66 18.28
O5 NAG G . -16.94 -18.71 18.60
O6 NAG G . -15.70 -18.46 21.10
O7 NAG G . -17.65 -15.35 15.13
C1 NAG H . 36.10 27.64 0.50
C2 NAG H . 37.63 27.70 0.28
C3 NAG H . 38.25 26.31 0.20
C4 NAG H . 37.74 25.37 1.29
C5 NAG H . 36.21 25.38 1.31
C6 NAG H . 35.60 24.47 2.38
C7 NAG H . 38.76 29.48 -1.01
C8 NAG H . 39.01 30.04 -2.38
N2 NAG H . 37.99 28.40 -0.95
O3 NAG H . 39.68 26.40 0.27
O4 NAG H . 38.23 24.05 1.05
O5 NAG H . 35.78 26.72 1.55
O6 NAG H . 35.93 24.97 3.68
O7 NAG H . 39.25 30.03 -0.03
#